data_7XDY
#
_entry.id   7XDY
#
_cell.length_a   61.795
_cell.length_b   83.248
_cell.length_c   62.322
_cell.angle_alpha   90.000
_cell.angle_beta   93.040
_cell.angle_gamma   90.000
#
_symmetry.space_group_name_H-M   'P 1 21 1'
#
loop_
_entity.id
_entity.type
_entity.pdbx_description
1 polymer 'Receptor-like protein kinase FERONIA'
2 non-polymer "ADENOSINE-5'-DIPHOSPHATE"
3 non-polymer 'MAGNESIUM ION'
4 water water
#
_entity_poly.entity_id   1
_entity_poly.type   'polypeptide(L)'
_entity_poly.pdbx_seq_one_letter_code
;MGSSHHHHHHSQGSSNLCRHFSFAEIKAATKNFDESRVLGVGGFGKVYRGEIDGGTTKVAIKRGNPMSEQGVHEFQTEIE
MLSKLRHRHLVSLIGYCEENCEMILVYDYMAHGTMREHLYKTQNPSLPWKQRLEICIGAARGLHYLHTGAKHTIIHRDVK
TTNILLDEKWVAKVSDFGLSKTGPTLDHTHVSTVVKGSFGYLDPEYFRRQQLTEKSDVYSFGVVLFEALCARPALNPTLA
KEQVSLAEWAPYCYKKGMLDQIVDPYLKGKITPECFKKFAETAMKCVLDQGIERPSMGDVLWNLEFALQLQES
;
_entity_poly.pdbx_strand_id   A,B
#
loop_
_chem_comp.id
_chem_comp.type
_chem_comp.name
_chem_comp.formula
ADP non-polymer ADENOSINE-5'-DIPHOSPHATE 'C10 H15 N5 O10 P2'
MG non-polymer 'MAGNESIUM ION' 'Mg 2'
#
# COMPACT_ATOMS: atom_id res chain seq x y z
N CYS A 18 2.88 -14.95 -13.39
CA CYS A 18 2.22 -16.04 -12.69
C CYS A 18 2.46 -17.39 -13.37
N ARG A 19 2.87 -18.39 -12.59
CA ARG A 19 3.47 -19.60 -13.12
C ARG A 19 2.45 -20.71 -13.35
N HIS A 20 2.47 -21.29 -14.55
CA HIS A 20 1.68 -22.49 -14.82
C HIS A 20 2.46 -23.70 -14.31
N PHE A 21 1.78 -24.58 -13.59
CA PHE A 21 2.39 -25.79 -13.04
C PHE A 21 1.85 -27.01 -13.76
N SER A 22 2.72 -27.99 -13.96
CA SER A 22 2.27 -29.30 -14.42
C SER A 22 1.38 -29.93 -13.36
N PHE A 23 0.47 -30.80 -13.79
CA PHE A 23 -0.17 -31.65 -12.79
C PHE A 23 0.79 -32.68 -12.23
N ALA A 24 1.94 -32.88 -12.90
CA ALA A 24 2.97 -33.77 -12.39
C ALA A 24 3.77 -33.09 -11.27
N GLU A 25 4.11 -31.81 -11.45
CA GLU A 25 4.77 -31.07 -10.37
C GLU A 25 3.88 -30.95 -9.14
N ILE A 26 2.58 -30.76 -9.33
CA ILE A 26 1.67 -30.70 -8.18
C ILE A 26 1.73 -32.02 -7.41
N LYS A 27 1.82 -33.15 -8.13
CA LYS A 27 1.91 -34.44 -7.47
C LYS A 27 3.28 -34.63 -6.82
N ALA A 28 4.34 -34.18 -7.50
CA ALA A 28 5.67 -34.25 -6.91
C ALA A 28 5.74 -33.43 -5.63
N ALA A 29 5.11 -32.25 -5.64
CA ALA A 29 5.18 -31.35 -4.50
C ALA A 29 4.44 -31.92 -3.31
N THR A 30 3.24 -32.46 -3.53
CA THR A 30 2.41 -32.99 -2.46
C THR A 30 2.59 -34.48 -2.23
N LYS A 31 3.52 -35.11 -2.95
CA LYS A 31 3.71 -36.57 -2.90
C LYS A 31 2.43 -37.30 -3.27
N ASN A 32 1.90 -36.98 -4.46
CA ASN A 32 0.58 -37.42 -4.91
C ASN A 32 -0.47 -37.28 -3.81
N PHE A 33 -0.64 -36.03 -3.36
CA PHE A 33 -1.76 -35.63 -2.49
C PHE A 33 -1.88 -36.54 -1.27
N ASP A 34 -0.74 -36.90 -0.68
CA ASP A 34 -0.79 -37.80 0.47
C ASP A 34 -1.43 -37.07 1.63
N GLU A 35 -2.35 -37.75 2.31
CA GLU A 35 -3.00 -37.16 3.49
C GLU A 35 -2.01 -36.82 4.60
N SER A 36 -0.76 -37.28 4.54
CA SER A 36 0.25 -36.79 5.47
C SER A 36 0.54 -35.30 5.29
N ARG A 37 0.13 -34.72 4.16
CA ARG A 37 0.44 -33.34 3.84
C ARG A 37 -0.80 -32.46 3.80
N VAL A 38 -1.98 -32.99 4.14
CA VAL A 38 -3.16 -32.14 4.23
C VAL A 38 -2.99 -31.17 5.38
N LEU A 39 -3.41 -29.92 5.17
CA LEU A 39 -3.40 -28.92 6.22
C LEU A 39 -4.80 -28.58 6.70
N GLY A 40 -5.82 -28.83 5.89
CA GLY A 40 -7.18 -28.57 6.28
C GLY A 40 -8.10 -28.69 5.09
N VAL A 41 -9.33 -28.24 5.32
CA VAL A 41 -10.38 -28.26 4.31
C VAL A 41 -11.01 -26.88 4.27
N GLY A 42 -11.14 -26.32 3.07
CA GLY A 42 -11.85 -25.08 2.86
C GLY A 42 -13.03 -25.32 1.95
N GLY A 43 -13.80 -24.25 1.74
CA GLY A 43 -14.93 -24.32 0.82
C GLY A 43 -14.52 -24.62 -0.61
N PHE A 44 -13.23 -24.54 -0.91
CA PHE A 44 -12.72 -24.78 -2.24
C PHE A 44 -12.25 -26.21 -2.45
N GLY A 45 -11.72 -26.84 -1.40
CA GLY A 45 -11.18 -28.18 -1.50
C GLY A 45 -10.27 -28.46 -0.32
N LYS A 46 -9.35 -29.40 -0.52
CA LYS A 46 -8.35 -29.70 0.48
C LYS A 46 -7.09 -28.89 0.23
N VAL A 47 -6.40 -28.54 1.32
CA VAL A 47 -5.19 -27.73 1.26
C VAL A 47 -4.02 -28.59 1.66
N TYR A 48 -3.02 -28.68 0.78
CA TYR A 48 -1.88 -29.56 0.96
C TYR A 48 -0.61 -28.75 1.12
N ARG A 49 0.26 -29.20 2.02
CA ARG A 49 1.62 -28.67 2.11
C ARG A 49 2.53 -29.44 1.17
N GLY A 50 3.41 -28.71 0.49
CA GLY A 50 4.33 -29.31 -0.44
C GLY A 50 5.60 -28.48 -0.52
N GLU A 51 6.52 -28.93 -1.38
CA GLU A 51 7.72 -28.18 -1.71
C GLU A 51 7.93 -28.23 -3.22
N ILE A 52 8.40 -27.13 -3.78
CA ILE A 52 8.69 -27.03 -5.20
C ILE A 52 10.13 -26.53 -5.35
N ASP A 53 10.59 -26.50 -6.62
CA ASP A 53 11.96 -26.10 -6.95
C ASP A 53 12.96 -26.94 -6.17
N GLY A 54 12.68 -28.24 -6.05
CA GLY A 54 13.60 -29.14 -5.38
C GLY A 54 13.77 -28.94 -3.89
N GLY A 55 12.75 -28.44 -3.20
CA GLY A 55 12.80 -28.35 -1.75
C GLY A 55 13.35 -27.05 -1.19
N THR A 56 13.44 -26.01 -2.00
CA THR A 56 13.80 -24.70 -1.46
C THR A 56 12.59 -23.88 -1.07
N THR A 57 11.43 -24.16 -1.68
CA THR A 57 10.22 -23.37 -1.52
C THR A 57 9.14 -24.21 -0.84
N LYS A 58 8.74 -23.80 0.37
CA LYS A 58 7.55 -24.35 0.99
C LYS A 58 6.31 -23.66 0.42
N VAL A 59 5.27 -24.44 0.13
CA VAL A 59 4.06 -23.90 -0.48
C VAL A 59 2.84 -24.56 0.16
N ALA A 60 1.67 -23.97 -0.13
CA ALA A 60 0.38 -24.58 0.17
C ALA A 60 -0.40 -24.68 -1.13
N ILE A 61 -0.98 -25.86 -1.38
CA ILE A 61 -1.62 -26.18 -2.65
C ILE A 61 -3.09 -26.52 -2.40
N LYS A 62 -3.98 -25.79 -3.07
CA LYS A 62 -5.42 -25.92 -2.92
C LYS A 62 -5.96 -26.62 -4.17
N ARG A 63 -6.61 -27.76 -4.01
CA ARG A 63 -7.23 -28.47 -5.13
C ARG A 63 -8.73 -28.23 -5.09
N GLY A 64 -9.23 -27.53 -6.11
CA GLY A 64 -10.65 -27.27 -6.27
C GLY A 64 -11.31 -28.20 -7.27
N ASN A 65 -12.61 -28.05 -7.41
CA ASN A 65 -13.37 -28.99 -8.27
C ASN A 65 -14.03 -28.27 -9.43
N PRO A 66 -13.68 -28.61 -10.69
CA PRO A 66 -14.25 -27.96 -11.87
C PRO A 66 -15.73 -28.22 -12.12
N MET A 67 -16.32 -29.24 -11.48
CA MET A 67 -17.78 -29.46 -11.62
C MET A 67 -18.50 -28.21 -11.13
N SER A 68 -18.09 -27.69 -9.97
CA SER A 68 -18.69 -26.49 -9.34
C SER A 68 -18.26 -25.25 -10.11
N GLU A 69 -19.21 -24.44 -10.56
CA GLU A 69 -18.82 -23.22 -11.26
C GLU A 69 -18.83 -22.00 -10.34
N GLN A 70 -19.29 -22.15 -9.09
CA GLN A 70 -18.85 -21.20 -8.07
C GLN A 70 -17.39 -21.43 -7.73
N GLY A 71 -16.97 -22.70 -7.66
CA GLY A 71 -15.55 -23.00 -7.54
C GLY A 71 -14.77 -22.51 -8.74
N VAL A 72 -15.33 -22.67 -9.95
CA VAL A 72 -14.69 -22.13 -11.16
C VAL A 72 -14.62 -20.62 -11.09
N HIS A 73 -15.67 -19.99 -10.58
CA HIS A 73 -15.67 -18.53 -10.47
C HIS A 73 -14.60 -18.07 -9.50
N GLU A 74 -14.49 -18.71 -8.34
CA GLU A 74 -13.48 -18.30 -7.37
C GLU A 74 -12.06 -18.58 -7.86
N PHE A 75 -11.86 -19.71 -8.54
CA PHE A 75 -10.54 -20.04 -9.09
C PHE A 75 -10.07 -18.94 -10.03
N GLN A 76 -10.93 -18.52 -10.94
CA GLN A 76 -10.52 -17.49 -11.89
C GLN A 76 -10.40 -16.10 -11.23
N THR A 77 -11.27 -15.79 -10.26
CA THR A 77 -11.15 -14.51 -9.57
C THR A 77 -9.86 -14.42 -8.76
N GLU A 78 -9.54 -15.46 -7.97
CA GLU A 78 -8.29 -15.43 -7.22
C GLU A 78 -7.08 -15.28 -8.14
N ILE A 79 -7.15 -15.86 -9.34
CA ILE A 79 -6.01 -15.75 -10.25
C ILE A 79 -5.91 -14.34 -10.82
N GLU A 80 -7.02 -13.79 -11.31
CA GLU A 80 -6.95 -12.48 -11.95
C GLU A 80 -6.66 -11.37 -10.95
N MET A 81 -7.02 -11.56 -9.67
CA MET A 81 -6.65 -10.58 -8.65
C MET A 81 -5.18 -10.72 -8.23
N LEU A 82 -4.82 -11.88 -7.69
CA LEU A 82 -3.52 -12.01 -7.05
C LEU A 82 -2.37 -11.89 -8.03
N SER A 83 -2.60 -12.26 -9.30
CA SER A 83 -1.50 -12.22 -10.26
C SER A 83 -0.96 -10.81 -10.47
N LYS A 84 -1.76 -9.77 -10.20
CA LYS A 84 -1.30 -8.39 -10.38
C LYS A 84 -1.14 -7.61 -9.06
N LEU A 85 -1.20 -8.27 -7.91
CA LEU A 85 -1.00 -7.59 -6.64
C LEU A 85 0.30 -8.06 -5.97
N ARG A 86 0.93 -7.16 -5.22
CA ARG A 86 2.20 -7.43 -4.55
C ARG A 86 2.21 -6.60 -3.28
N HIS A 87 2.18 -7.27 -2.12
CA HIS A 87 2.16 -6.52 -0.88
C HIS A 87 2.60 -7.45 0.25
N ARG A 88 3.42 -6.91 1.14
CA ARG A 88 3.97 -7.70 2.24
C ARG A 88 2.87 -8.39 3.03
N HIS A 89 1.70 -7.78 3.11
CA HIS A 89 0.65 -8.26 3.99
C HIS A 89 -0.50 -8.87 3.21
N LEU A 90 -0.20 -9.41 2.02
CA LEU A 90 -1.14 -10.20 1.22
C LEU A 90 -0.51 -11.54 0.91
N VAL A 91 -1.26 -12.63 1.13
CA VAL A 91 -0.76 -13.95 0.78
C VAL A 91 -0.41 -13.94 -0.70
N SER A 92 0.75 -14.48 -1.03
CA SER A 92 1.20 -14.46 -2.42
C SER A 92 0.82 -15.75 -3.14
N LEU A 93 0.36 -15.60 -4.38
CA LEU A 93 0.03 -16.73 -5.23
C LEU A 93 1.21 -17.00 -6.16
N ILE A 94 1.86 -18.13 -5.97
CA ILE A 94 2.99 -18.49 -6.83
C ILE A 94 2.50 -18.96 -8.19
N GLY A 95 1.49 -19.82 -8.23
CA GLY A 95 1.00 -20.28 -9.51
C GLY A 95 -0.25 -21.12 -9.40
N TYR A 96 -0.59 -21.77 -10.52
CA TYR A 96 -1.83 -22.50 -10.64
C TYR A 96 -1.65 -23.65 -11.60
N CYS A 97 -2.73 -24.40 -11.80
CA CYS A 97 -2.72 -25.56 -12.68
C CYS A 97 -4.15 -25.80 -13.13
N GLU A 98 -4.43 -25.51 -14.39
CA GLU A 98 -5.72 -25.84 -15.01
C GLU A 98 -5.62 -27.05 -15.94
N GLU A 99 -4.53 -27.82 -15.81
CA GLU A 99 -4.25 -29.00 -16.61
C GLU A 99 -5.36 -30.06 -16.48
N ASN A 100 -5.50 -30.88 -17.52
CA ASN A 100 -6.48 -31.98 -17.62
C ASN A 100 -7.86 -31.56 -17.10
N CYS A 101 -8.21 -30.28 -17.24
CA CYS A 101 -9.46 -29.73 -16.70
C CYS A 101 -9.48 -29.82 -15.16
N GLU A 102 -8.34 -29.52 -14.51
CA GLU A 102 -8.27 -29.42 -13.07
C GLU A 102 -8.33 -27.96 -12.62
N MET A 103 -8.16 -27.76 -11.30
CA MET A 103 -8.29 -26.43 -10.69
C MET A 103 -7.42 -26.44 -9.43
N ILE A 104 -6.21 -25.92 -9.55
CA ILE A 104 -5.23 -25.98 -8.46
C ILE A 104 -4.57 -24.61 -8.30
N LEU A 105 -4.36 -24.21 -7.04
CA LEU A 105 -3.74 -22.93 -6.71
C LEU A 105 -2.58 -23.20 -5.76
N VAL A 106 -1.49 -22.45 -5.95
CA VAL A 106 -0.23 -22.66 -5.22
C VAL A 106 0.13 -21.35 -4.53
N TYR A 107 0.11 -21.33 -3.20
CA TYR A 107 0.48 -20.17 -2.40
C TYR A 107 1.77 -20.43 -1.65
N ASP A 108 2.31 -19.37 -1.07
CA ASP A 108 3.38 -19.56 -0.10
C ASP A 108 2.81 -20.15 1.18
N TYR A 109 3.61 -20.98 1.83
CA TYR A 109 3.17 -21.67 3.04
C TYR A 109 3.24 -20.71 4.22
N MET A 110 2.11 -20.58 4.94
CA MET A 110 2.02 -19.74 6.14
C MET A 110 2.11 -20.64 7.37
N ALA A 111 3.29 -20.67 7.99
CA ALA A 111 3.66 -21.71 8.94
C ALA A 111 2.88 -21.66 10.24
N HIS A 112 2.14 -20.60 10.50
CA HIS A 112 1.49 -20.44 11.78
C HIS A 112 -0.02 -20.38 11.63
N GLY A 113 -0.53 -20.77 10.46
CA GLY A 113 -1.94 -20.92 10.25
C GLY A 113 -2.69 -19.59 10.26
N THR A 114 -3.96 -19.68 10.65
CA THR A 114 -4.87 -18.57 10.70
C THR A 114 -4.80 -17.88 12.05
N MET A 115 -5.24 -16.62 12.05
CA MET A 115 -5.34 -15.87 13.28
C MET A 115 -6.34 -16.51 14.26
N ARG A 116 -7.43 -17.09 13.76
CA ARG A 116 -8.44 -17.69 14.65
C ARG A 116 -7.86 -18.85 15.48
N GLU A 117 -7.01 -19.68 14.86
CA GLU A 117 -6.36 -20.76 15.59
C GLU A 117 -5.47 -20.28 16.74
N HIS A 118 -5.21 -18.98 16.85
CA HIS A 118 -4.44 -18.51 17.99
C HIS A 118 -5.28 -17.73 18.98
N LEU A 119 -6.59 -17.59 18.74
CA LEU A 119 -7.43 -16.82 19.64
C LEU A 119 -8.35 -17.67 20.51
N TYR A 120 -8.93 -18.72 19.97
CA TYR A 120 -9.90 -19.48 20.75
C TYR A 120 -10.12 -20.83 20.09
N LYS A 121 -10.83 -21.70 20.81
CA LYS A 121 -11.05 -23.08 20.39
C LYS A 121 -9.75 -23.69 19.91
N THR A 122 -8.72 -23.57 20.75
CA THR A 122 -7.38 -23.93 20.31
C THR A 122 -6.53 -24.36 21.50
N GLN A 123 -5.49 -25.13 21.21
CA GLN A 123 -4.50 -25.48 22.20
C GLN A 123 -3.25 -24.61 22.10
N ASN A 124 -3.18 -23.78 21.07
CA ASN A 124 -2.04 -22.89 20.95
C ASN A 124 -2.00 -21.93 22.15
N PRO A 125 -0.81 -21.46 22.52
CA PRO A 125 -0.72 -20.47 23.60
C PRO A 125 -1.40 -19.16 23.19
N SER A 126 -1.86 -18.42 24.20
CA SER A 126 -2.46 -17.12 23.92
C SER A 126 -1.40 -16.14 23.47
N LEU A 127 -1.81 -15.20 22.60
CA LEU A 127 -0.88 -14.20 22.11
C LEU A 127 -0.86 -12.99 23.04
N PRO A 128 0.33 -12.49 23.32
CA PRO A 128 0.46 -11.22 24.05
C PRO A 128 -0.23 -10.09 23.28
N TRP A 129 -0.56 -9.02 24.01
CA TRP A 129 -1.38 -7.96 23.45
C TRP A 129 -0.69 -7.27 22.28
N LYS A 130 0.61 -7.00 22.42
CA LYS A 130 1.34 -6.27 21.37
C LYS A 130 1.45 -7.09 20.10
N GLN A 131 1.63 -8.41 20.21
CA GLN A 131 1.57 -9.26 19.03
C GLN A 131 0.19 -9.23 18.37
N ARG A 132 -0.88 -9.25 19.16
CA ARG A 132 -2.22 -9.17 18.56
C ARG A 132 -2.39 -7.85 17.83
N LEU A 133 -2.10 -6.74 18.51
CA LEU A 133 -2.16 -5.43 17.89
C LEU A 133 -1.34 -5.38 16.59
N GLU A 134 -0.12 -5.90 16.62
CA GLU A 134 0.70 -5.88 15.41
C GLU A 134 0.11 -6.75 14.30
N ILE A 135 -0.61 -7.82 14.66
CA ILE A 135 -1.24 -8.63 13.62
C ILE A 135 -2.38 -7.86 12.96
N CYS A 136 -3.17 -7.13 13.76
CA CYS A 136 -4.27 -6.32 13.24
C CYS A 136 -3.77 -5.16 12.38
N ILE A 137 -2.63 -4.57 12.78
CA ILE A 137 -2.00 -3.53 11.98
C ILE A 137 -1.53 -4.11 10.66
N GLY A 138 -0.84 -5.24 10.71
CA GLY A 138 -0.45 -5.92 9.48
C GLY A 138 -1.65 -6.19 8.58
N ALA A 139 -2.74 -6.70 9.13
CA ALA A 139 -3.88 -6.96 8.24
C ALA A 139 -4.48 -5.65 7.73
N ALA A 140 -4.55 -4.60 8.57
CA ALA A 140 -5.05 -3.31 8.10
C ALA A 140 -4.20 -2.74 6.98
N ARG A 141 -2.90 -3.01 6.98
CA ARG A 141 -2.08 -2.54 5.86
C ARG A 141 -2.46 -3.27 4.59
N GLY A 142 -2.63 -4.59 4.69
CA GLY A 142 -3.12 -5.35 3.55
C GLY A 142 -4.43 -4.80 3.00
N LEU A 143 -5.41 -4.60 3.88
CA LEU A 143 -6.69 -4.07 3.43
C LEU A 143 -6.54 -2.66 2.86
N HIS A 144 -5.75 -1.81 3.53
CA HIS A 144 -5.51 -0.48 2.99
C HIS A 144 -4.94 -0.56 1.57
N TYR A 145 -4.03 -1.49 1.31
CA TYR A 145 -3.52 -1.61 -0.06
C TYR A 145 -4.63 -2.02 -1.04
N LEU A 146 -5.51 -2.95 -0.63
CA LEU A 146 -6.58 -3.38 -1.55
C LEU A 146 -7.48 -2.22 -1.92
N HIS A 147 -7.71 -1.29 -0.98
CA HIS A 147 -8.63 -0.19 -1.22
C HIS A 147 -7.98 0.98 -1.91
N THR A 148 -6.65 1.13 -1.83
CA THR A 148 -6.03 2.33 -2.36
C THR A 148 -4.80 2.08 -3.22
N GLY A 149 -4.36 0.84 -3.38
CA GLY A 149 -3.13 0.60 -4.11
C GLY A 149 -3.26 -0.18 -5.39
N ALA A 150 -4.42 -0.78 -5.67
CA ALA A 150 -4.62 -1.45 -6.94
C ALA A 150 -5.14 -0.47 -7.99
N LYS A 151 -5.24 -0.95 -9.23
CA LYS A 151 -5.69 -0.08 -10.32
C LYS A 151 -7.08 0.50 -10.05
N HIS A 152 -7.97 -0.28 -9.44
CA HIS A 152 -9.21 0.22 -8.87
C HIS A 152 -9.33 -0.30 -7.45
N THR A 153 -10.22 0.31 -6.66
CA THR A 153 -10.62 -0.29 -5.38
C THR A 153 -10.94 -1.77 -5.55
N ILE A 154 -10.40 -2.59 -4.66
CA ILE A 154 -10.79 -3.98 -4.54
C ILE A 154 -11.56 -4.14 -3.23
N ILE A 155 -12.73 -4.75 -3.30
CA ILE A 155 -13.51 -5.08 -2.10
C ILE A 155 -13.34 -6.56 -1.86
N HIS A 156 -12.66 -6.91 -0.77
CA HIS A 156 -12.32 -8.29 -0.48
C HIS A 156 -13.57 -9.13 -0.29
N ARG A 157 -14.54 -8.61 0.46
CA ARG A 157 -15.84 -9.21 0.77
C ARG A 157 -15.74 -10.40 1.71
N ASP A 158 -14.56 -10.80 2.16
CA ASP A 158 -14.51 -11.98 2.99
C ASP A 158 -13.49 -11.80 4.09
N VAL A 159 -13.53 -10.66 4.76
CA VAL A 159 -12.59 -10.39 5.83
C VAL A 159 -13.05 -11.12 7.08
N LYS A 160 -12.18 -11.99 7.61
CA LYS A 160 -12.49 -12.68 8.85
C LYS A 160 -11.21 -13.33 9.38
N THR A 161 -11.30 -13.87 10.60
CA THR A 161 -10.09 -14.28 11.29
C THR A 161 -9.47 -15.54 10.70
N THR A 162 -10.25 -16.38 10.02
CA THR A 162 -9.67 -17.49 9.28
C THR A 162 -9.04 -17.07 7.97
N ASN A 163 -9.30 -15.86 7.50
CA ASN A 163 -8.70 -15.38 6.26
C ASN A 163 -7.55 -14.42 6.54
N ILE A 164 -7.01 -14.46 7.74
CA ILE A 164 -5.79 -13.77 8.09
C ILE A 164 -4.80 -14.82 8.55
N LEU A 165 -3.74 -15.01 7.76
CA LEU A 165 -2.73 -16.04 7.97
C LEU A 165 -1.44 -15.42 8.50
N LEU A 166 -0.64 -16.27 9.16
CA LEU A 166 0.54 -15.89 9.92
C LEU A 166 1.72 -16.71 9.43
N ASP A 167 2.81 -16.04 9.04
CA ASP A 167 3.92 -16.79 8.48
C ASP A 167 4.92 -17.09 9.60
N GLU A 168 6.09 -17.62 9.23
CA GLU A 168 6.99 -18.14 10.24
C GLU A 168 7.54 -17.03 11.14
N LYS A 169 7.48 -15.77 10.72
CA LYS A 169 7.86 -14.64 11.56
C LYS A 169 6.65 -13.91 12.15
N TRP A 170 5.45 -14.50 12.06
CA TRP A 170 4.21 -13.93 12.58
C TRP A 170 3.76 -12.68 11.82
N VAL A 171 4.14 -12.54 10.55
CA VAL A 171 3.62 -11.44 9.73
C VAL A 171 2.20 -11.77 9.29
N ALA A 172 1.27 -10.86 9.58
CA ALA A 172 -0.11 -11.08 9.22
C ALA A 172 -0.31 -10.84 7.73
N LYS A 173 -1.06 -11.74 7.11
CA LYS A 173 -1.31 -11.68 5.64
C LYS A 173 -2.77 -11.99 5.33
N VAL A 174 -3.35 -11.18 4.45
CA VAL A 174 -4.75 -11.34 4.02
C VAL A 174 -4.81 -12.36 2.87
N SER A 175 -5.80 -13.22 2.88
CA SER A 175 -5.95 -14.27 1.82
C SER A 175 -7.43 -14.45 1.47
N ASP A 176 -7.71 -15.46 0.65
CA ASP A 176 -9.07 -15.88 0.20
C ASP A 176 -9.80 -14.89 -0.70
N PHE A 177 -9.23 -14.58 -1.87
CA PHE A 177 -9.84 -13.60 -2.80
C PHE A 177 -10.93 -14.08 -3.75
N GLY A 178 -11.46 -15.28 -3.58
CA GLY A 178 -12.47 -15.81 -4.51
C GLY A 178 -13.75 -14.98 -4.61
N LEU A 179 -14.11 -14.24 -3.58
CA LEU A 179 -15.36 -13.50 -3.65
C LEU A 179 -15.17 -12.00 -3.81
N SER A 180 -13.96 -11.55 -4.17
CA SER A 180 -13.70 -10.12 -4.24
C SER A 180 -14.24 -9.53 -5.55
N LYS A 181 -14.46 -8.22 -5.52
CA LYS A 181 -14.96 -7.50 -6.69
C LYS A 181 -14.19 -6.19 -6.82
N THR A 182 -14.18 -5.67 -8.05
CA THR A 182 -13.66 -4.36 -8.36
C THR A 182 -14.75 -3.29 -8.23
N SER A 198 -19.22 -14.57 5.18
CA SER A 198 -19.47 -15.41 6.34
C SER A 198 -20.41 -14.75 7.35
N PHE A 199 -21.07 -15.58 8.15
CA PHE A 199 -22.04 -15.08 9.12
C PHE A 199 -21.32 -14.49 10.32
N GLY A 200 -21.80 -13.34 10.78
CA GLY A 200 -21.16 -12.62 11.84
C GLY A 200 -20.27 -11.49 11.38
N TYR A 201 -19.79 -11.54 10.13
CA TYR A 201 -18.95 -10.49 9.58
C TYR A 201 -19.65 -9.68 8.52
N LEU A 202 -20.88 -10.07 8.17
CA LEU A 202 -21.59 -9.48 7.04
C LEU A 202 -22.05 -8.07 7.33
N ASP A 203 -21.71 -7.15 6.45
CA ASP A 203 -22.20 -5.79 6.57
C ASP A 203 -23.72 -5.79 6.61
N PRO A 204 -24.34 -5.47 7.75
CA PRO A 204 -25.81 -5.51 7.82
C PRO A 204 -26.44 -4.48 6.92
N GLU A 205 -25.73 -3.39 6.62
CA GLU A 205 -26.28 -2.43 5.70
C GLU A 205 -26.36 -2.97 4.29
N TYR A 206 -25.64 -4.05 3.98
CA TYR A 206 -25.77 -4.65 2.65
C TYR A 206 -27.14 -5.29 2.44
N PHE A 207 -27.74 -5.85 3.48
CA PHE A 207 -29.08 -6.40 3.34
C PHE A 207 -30.15 -5.32 3.34
N ARG A 208 -29.77 -4.05 3.45
CA ARG A 208 -30.71 -2.93 3.37
C ARG A 208 -30.44 -2.07 2.15
N ARG A 209 -29.26 -1.44 2.04
CA ARG A 209 -28.95 -0.59 0.90
C ARG A 209 -28.65 -1.39 -0.36
N GLN A 210 -28.34 -2.68 -0.24
CA GLN A 210 -28.09 -3.56 -1.38
C GLN A 210 -26.95 -3.10 -2.27
N GLN A 211 -26.22 -2.08 -1.85
CA GLN A 211 -24.98 -1.69 -2.50
C GLN A 211 -23.83 -2.25 -1.68
N LEU A 212 -22.66 -2.28 -2.30
CA LEU A 212 -21.48 -2.80 -1.65
C LEU A 212 -20.34 -1.83 -1.89
N THR A 213 -19.74 -1.34 -0.81
CA THR A 213 -18.56 -0.49 -0.89
C THR A 213 -17.49 -1.02 0.04
N GLU A 214 -16.30 -0.44 -0.10
CA GLU A 214 -15.19 -0.86 0.73
C GLU A 214 -15.49 -0.67 2.21
N LYS A 215 -16.46 0.16 2.55
CA LYS A 215 -16.88 0.27 3.94
C LYS A 215 -17.43 -1.05 4.47
N SER A 216 -17.80 -1.99 3.59
CA SER A 216 -18.23 -3.30 4.08
C SER A 216 -17.03 -4.11 4.56
N ASP A 217 -15.86 -3.92 3.92
CA ASP A 217 -14.63 -4.48 4.46
C ASP A 217 -14.28 -3.83 5.80
N VAL A 218 -14.55 -2.55 5.97
CA VAL A 218 -14.25 -1.92 7.24
C VAL A 218 -15.13 -2.52 8.34
N TYR A 219 -16.41 -2.73 8.05
CA TYR A 219 -17.28 -3.40 9.01
C TYR A 219 -16.70 -4.76 9.42
N SER A 220 -16.31 -5.54 8.43
CA SER A 220 -15.82 -6.88 8.74
C SER A 220 -14.56 -6.79 9.55
N PHE A 221 -13.68 -5.84 9.22
CA PHE A 221 -12.46 -5.70 9.97
C PHE A 221 -12.74 -5.32 11.41
N GLY A 222 -13.70 -4.41 11.63
CA GLY A 222 -14.03 -4.06 13.01
C GLY A 222 -14.42 -5.27 13.85
N VAL A 223 -15.04 -6.24 13.21
CA VAL A 223 -15.40 -7.47 13.90
C VAL A 223 -14.13 -8.27 14.21
N VAL A 224 -13.23 -8.36 13.23
CA VAL A 224 -11.91 -8.96 13.50
C VAL A 224 -11.29 -8.33 14.73
N LEU A 225 -11.26 -7.00 14.79
CA LEU A 225 -10.71 -6.30 15.95
C LEU A 225 -11.36 -6.75 17.26
N PHE A 226 -12.70 -6.92 17.28
CA PHE A 226 -13.34 -7.34 18.52
C PHE A 226 -13.00 -8.78 18.88
N GLU A 227 -12.86 -9.65 17.88
CA GLU A 227 -12.40 -11.01 18.12
C GLU A 227 -11.01 -11.01 18.76
N ALA A 228 -10.10 -10.19 18.24
CA ALA A 228 -8.77 -10.17 18.82
C ALA A 228 -8.82 -9.76 20.28
N LEU A 229 -9.71 -8.83 20.60
CA LEU A 229 -9.82 -8.33 21.97
C LEU A 229 -10.57 -9.33 22.86
N CYS A 230 -11.67 -9.89 22.39
CA CYS A 230 -12.50 -10.71 23.26
C CYS A 230 -12.17 -12.19 23.18
N ALA A 231 -11.49 -12.63 22.13
CA ALA A 231 -11.18 -14.06 21.92
C ALA A 231 -12.45 -14.92 22.05
N ARG A 232 -13.41 -14.68 21.17
CA ARG A 232 -14.60 -15.53 21.03
C ARG A 232 -15.10 -15.37 19.60
N PRO A 233 -15.92 -16.32 19.12
CA PRO A 233 -16.42 -16.21 17.73
C PRO A 233 -17.24 -14.97 17.52
N ALA A 234 -17.30 -14.52 16.27
CA ALA A 234 -18.15 -13.39 15.91
C ALA A 234 -19.64 -13.72 16.07
N LEU A 235 -20.01 -14.96 15.79
CA LEU A 235 -21.37 -15.45 15.99
C LEU A 235 -21.26 -16.68 16.88
N ASN A 236 -21.98 -16.70 17.99
CA ASN A 236 -22.07 -17.87 18.84
C ASN A 236 -23.55 -18.15 19.04
N PRO A 237 -24.20 -18.96 18.19
CA PRO A 237 -25.67 -19.06 18.23
C PRO A 237 -26.31 -19.56 19.53
N THR A 238 -25.55 -19.90 20.58
CA THR A 238 -26.12 -20.49 21.79
C THR A 238 -26.37 -19.49 22.91
N LEU A 239 -25.99 -18.22 22.72
CA LEU A 239 -25.96 -17.28 23.84
C LEU A 239 -27.29 -16.55 23.97
N ALA A 240 -27.38 -15.73 25.00
CA ALA A 240 -28.50 -14.81 25.13
C ALA A 240 -28.59 -13.92 23.88
N LYS A 241 -29.82 -13.56 23.54
CA LYS A 241 -30.11 -12.80 22.33
C LYS A 241 -29.14 -11.62 22.11
N GLU A 242 -28.83 -10.84 23.14
CA GLU A 242 -27.98 -9.63 22.98
C GLU A 242 -26.50 -9.96 22.77
N GLN A 243 -26.09 -11.18 23.11
CA GLN A 243 -24.66 -11.55 23.06
C GLN A 243 -24.33 -12.37 21.83
N VAL A 244 -25.33 -12.79 21.07
CA VAL A 244 -25.07 -13.69 19.91
C VAL A 244 -24.05 -13.10 18.95
N SER A 245 -24.18 -11.85 18.58
CA SER A 245 -23.25 -11.24 17.59
C SER A 245 -22.27 -10.27 18.25
N LEU A 246 -20.96 -10.56 18.19
CA LEU A 246 -19.92 -9.74 18.76
C LEU A 246 -20.02 -8.30 18.23
N ALA A 247 -20.48 -8.16 16.99
CA ALA A 247 -20.60 -6.84 16.36
C ALA A 247 -21.60 -5.96 17.10
N GLU A 248 -22.71 -6.52 17.56
CA GLU A 248 -23.63 -5.70 18.33
C GLU A 248 -23.34 -5.76 19.82
N TRP A 249 -22.77 -6.85 20.31
CA TRP A 249 -22.59 -7.02 21.74
C TRP A 249 -21.43 -6.19 22.28
N ALA A 250 -20.28 -6.18 21.59
CA ALA A 250 -19.15 -5.42 22.14
C ALA A 250 -19.46 -3.92 22.23
N PRO A 251 -19.87 -3.22 21.15
CA PRO A 251 -20.32 -1.83 21.32
C PRO A 251 -21.26 -1.63 22.50
N TYR A 252 -22.26 -2.51 22.66
CA TYR A 252 -23.21 -2.39 23.76
C TYR A 252 -22.50 -2.36 25.11
N CYS A 253 -21.55 -3.29 25.35
CA CYS A 253 -20.83 -3.31 26.62
C CYS A 253 -19.93 -2.10 26.80
N TYR A 254 -19.38 -1.55 25.72
CA TYR A 254 -18.54 -0.37 25.86
C TYR A 254 -19.35 0.82 26.33
N LYS A 255 -20.43 1.13 25.63
CA LYS A 255 -21.33 2.20 26.08
C LYS A 255 -21.77 2.00 27.52
N LYS A 256 -22.13 0.79 27.90
CA LYS A 256 -22.51 0.50 29.28
C LYS A 256 -21.31 0.39 30.21
N GLY A 257 -20.10 0.61 29.70
CA GLY A 257 -18.93 0.60 30.54
C GLY A 257 -18.54 -0.74 31.10
N MET A 258 -18.98 -1.84 30.47
CA MET A 258 -18.59 -3.17 30.92
C MET A 258 -17.81 -3.94 29.86
N LEU A 259 -17.29 -3.25 28.83
CA LEU A 259 -16.48 -3.94 27.83
C LEU A 259 -15.35 -4.72 28.48
N ASP A 260 -14.81 -4.21 29.59
CA ASP A 260 -13.72 -4.90 30.29
C ASP A 260 -14.13 -6.27 30.80
N GLN A 261 -15.43 -6.57 30.88
CA GLN A 261 -15.82 -7.85 31.42
C GLN A 261 -15.85 -8.96 30.37
N ILE A 262 -15.96 -8.62 29.09
CA ILE A 262 -15.91 -9.62 28.01
C ILE A 262 -14.54 -9.68 27.33
N VAL A 263 -13.56 -8.93 27.82
CA VAL A 263 -12.21 -9.01 27.26
C VAL A 263 -11.65 -10.40 27.49
N ASP A 264 -10.88 -10.89 26.53
CA ASP A 264 -10.14 -12.15 26.70
C ASP A 264 -9.49 -12.20 28.07
N PRO A 265 -9.76 -13.24 28.87
CA PRO A 265 -9.11 -13.33 30.20
C PRO A 265 -7.60 -13.21 30.18
N TYR A 266 -6.93 -13.73 29.15
CA TYR A 266 -5.49 -13.56 29.12
C TYR A 266 -5.07 -12.10 29.02
N LEU A 267 -5.94 -11.22 28.50
CA LEU A 267 -5.59 -9.84 28.25
C LEU A 267 -5.93 -8.90 29.40
N LYS A 268 -6.58 -9.39 30.44
CA LYS A 268 -7.02 -8.50 31.51
C LYS A 268 -5.82 -7.98 32.29
N GLY A 269 -5.76 -6.66 32.44
CA GLY A 269 -4.63 -6.02 33.10
C GLY A 269 -3.41 -5.79 32.23
N LYS A 270 -3.52 -6.00 30.92
CA LYS A 270 -2.35 -5.90 30.04
C LYS A 270 -2.49 -4.81 28.99
N ILE A 271 -3.58 -4.04 29.01
CA ILE A 271 -3.82 -2.99 28.04
C ILE A 271 -3.88 -1.69 28.81
N THR A 272 -3.01 -0.74 28.45
CA THR A 272 -3.09 0.53 29.15
C THR A 272 -4.46 1.15 28.89
N PRO A 273 -4.97 1.93 29.84
CA PRO A 273 -6.28 2.59 29.66
C PRO A 273 -6.43 3.34 28.34
N GLU A 274 -5.39 4.03 27.89
CA GLU A 274 -5.55 4.88 26.71
C GLU A 274 -5.48 4.07 25.42
N CYS A 275 -4.67 3.01 25.39
CA CYS A 275 -4.72 2.09 24.27
C CYS A 275 -6.08 1.40 24.20
N PHE A 276 -6.53 0.86 25.33
CA PHE A 276 -7.83 0.22 25.37
C PHE A 276 -8.91 1.11 24.78
N LYS A 277 -8.87 2.41 25.12
CA LYS A 277 -9.91 3.34 24.70
C LYS A 277 -9.78 3.69 23.21
N LYS A 278 -8.55 3.96 22.76
CA LYS A 278 -8.37 4.20 21.33
C LYS A 278 -8.69 2.95 20.51
N PHE A 279 -8.29 1.77 20.98
CA PHE A 279 -8.60 0.55 20.25
C PHE A 279 -10.11 0.32 20.16
N ALA A 280 -10.81 0.41 21.30
CA ALA A 280 -12.24 0.08 21.30
C ALA A 280 -13.05 1.11 20.52
N GLU A 281 -12.72 2.39 20.67
CA GLU A 281 -13.42 3.40 19.89
C GLU A 281 -13.09 3.31 18.40
N THR A 282 -11.95 2.71 18.05
CA THR A 282 -11.70 2.47 16.64
C THR A 282 -12.57 1.33 16.13
N ALA A 283 -12.71 0.27 16.92
CA ALA A 283 -13.53 -0.87 16.49
C ALA A 283 -15.00 -0.50 16.46
N MET A 284 -15.45 0.31 17.44
CA MET A 284 -16.87 0.72 17.47
C MET A 284 -17.25 1.46 16.19
N LYS A 285 -16.40 2.40 15.77
CA LYS A 285 -16.68 3.15 14.54
C LYS A 285 -16.73 2.23 13.32
N CYS A 286 -15.94 1.16 13.30
CA CYS A 286 -15.94 0.25 12.17
C CYS A 286 -17.28 -0.44 11.98
N VAL A 287 -17.99 -0.72 13.06
CA VAL A 287 -19.22 -1.50 12.96
C VAL A 287 -20.44 -0.58 13.10
N LEU A 288 -20.35 0.68 12.70
CA LEU A 288 -21.56 1.50 12.69
C LEU A 288 -22.55 0.99 11.66
N ASP A 289 -23.84 1.26 11.92
CA ASP A 289 -24.93 0.81 11.05
C ASP A 289 -24.74 1.26 9.60
N GLN A 290 -24.30 2.50 9.40
CA GLN A 290 -24.28 3.13 8.08
C GLN A 290 -22.86 3.28 7.56
N GLY A 291 -22.59 2.69 6.39
CA GLY A 291 -21.25 2.69 5.84
C GLY A 291 -20.67 4.06 5.67
N ILE A 292 -21.51 5.08 5.50
CA ILE A 292 -20.99 6.41 5.24
C ILE A 292 -20.38 7.00 6.52
N GLU A 293 -20.85 6.59 7.70
CA GLU A 293 -20.28 7.00 8.97
C GLU A 293 -18.99 6.27 9.35
N ARG A 294 -18.65 5.17 8.69
CA ARG A 294 -17.48 4.41 9.10
C ARG A 294 -16.17 5.04 8.61
N PRO A 295 -15.07 4.83 9.32
CA PRO A 295 -13.79 5.35 8.85
C PRO A 295 -13.31 4.57 7.63
N SER A 296 -12.37 5.15 6.88
CA SER A 296 -11.69 4.40 5.85
C SER A 296 -10.63 3.51 6.49
N MET A 297 -10.04 2.60 5.70
CA MET A 297 -9.01 1.73 6.26
C MET A 297 -7.74 2.51 6.57
N GLY A 298 -7.48 3.59 5.84
CA GLY A 298 -6.34 4.43 6.19
C GLY A 298 -6.47 4.97 7.60
N ASP A 299 -7.64 5.51 7.91
CA ASP A 299 -7.92 5.99 9.25
C ASP A 299 -7.77 4.88 10.29
N VAL A 300 -8.37 3.71 10.04
CA VAL A 300 -8.27 2.59 10.97
C VAL A 300 -6.81 2.24 11.21
N LEU A 301 -6.10 1.92 10.13
CA LEU A 301 -4.68 1.65 10.24
C LEU A 301 -3.97 2.72 11.07
N TRP A 302 -4.27 3.99 10.87
CA TRP A 302 -3.54 4.99 11.63
C TRP A 302 -3.88 4.92 13.11
N ASN A 303 -5.15 4.64 13.44
CA ASN A 303 -5.54 4.66 14.85
C ASN A 303 -5.01 3.43 15.58
N LEU A 304 -4.84 2.31 14.86
CA LEU A 304 -4.21 1.15 15.47
C LEU A 304 -2.74 1.42 15.77
N GLU A 305 -2.03 2.04 14.83
CA GLU A 305 -0.66 2.44 15.13
C GLU A 305 -0.61 3.41 16.29
N PHE A 306 -1.59 4.32 16.37
CA PHE A 306 -1.64 5.20 17.54
C PHE A 306 -1.85 4.39 18.80
N ALA A 307 -2.75 3.40 18.75
CA ALA A 307 -3.01 2.57 19.91
C ALA A 307 -1.74 1.86 20.36
N LEU A 308 -1.00 1.28 19.41
CA LEU A 308 0.23 0.60 19.76
C LEU A 308 1.17 1.53 20.49
N GLN A 309 1.21 2.80 20.07
CA GLN A 309 2.10 3.77 20.70
C GLN A 309 1.61 4.15 22.09
N LEU A 310 0.29 4.20 22.31
CA LEU A 310 -0.21 4.47 23.65
C LEU A 310 0.05 3.30 24.58
N GLN A 311 0.12 2.08 24.04
CA GLN A 311 0.43 0.94 24.86
C GLN A 311 1.84 1.04 25.43
N GLU A 312 2.73 1.76 24.76
CA GLU A 312 4.15 1.79 25.14
C GLU A 312 4.58 3.17 25.66
N ARG B 19 8.75 -7.78 -18.63
CA ARG B 19 8.57 -8.15 -20.04
C ARG B 19 9.72 -7.68 -20.92
N HIS B 20 10.24 -8.57 -21.76
CA HIS B 20 11.32 -8.21 -22.67
C HIS B 20 10.79 -7.96 -24.08
N PHE B 21 11.19 -6.83 -24.66
CA PHE B 21 10.83 -6.45 -26.01
C PHE B 21 12.00 -6.71 -26.95
N SER B 22 11.71 -7.30 -28.09
CA SER B 22 12.68 -7.27 -29.17
C SER B 22 12.94 -5.81 -29.57
N PHE B 23 14.15 -5.56 -30.08
CA PHE B 23 14.48 -4.23 -30.55
C PHE B 23 13.61 -3.81 -31.72
N ALA B 24 13.04 -4.77 -32.44
CA ALA B 24 12.12 -4.44 -33.52
C ALA B 24 10.82 -3.83 -32.99
N GLU B 25 10.25 -4.43 -31.95
CA GLU B 25 9.05 -3.89 -31.32
C GLU B 25 9.25 -2.44 -30.91
N ILE B 26 10.43 -2.11 -30.39
CA ILE B 26 10.69 -0.75 -29.94
C ILE B 26 10.58 0.22 -31.11
N LYS B 27 11.19 -0.12 -32.25
CA LYS B 27 11.11 0.75 -33.42
C LYS B 27 9.69 0.85 -33.96
N ALA B 28 8.89 -0.22 -33.83
CA ALA B 28 7.48 -0.14 -34.20
C ALA B 28 6.71 0.78 -33.26
N ALA B 29 7.02 0.72 -31.96
CA ALA B 29 6.39 1.61 -31.00
C ALA B 29 6.81 3.07 -31.23
N THR B 30 8.09 3.29 -31.54
CA THR B 30 8.66 4.62 -31.60
C THR B 30 8.71 5.21 -33.01
N LYS B 31 8.32 4.46 -34.04
CA LYS B 31 8.52 4.85 -35.43
C LYS B 31 9.98 5.24 -35.68
N ASN B 32 10.87 4.35 -35.24
CA ASN B 32 12.31 4.53 -35.33
C ASN B 32 12.77 5.90 -34.81
N PHE B 33 12.41 6.17 -33.56
CA PHE B 33 13.14 7.13 -32.72
C PHE B 33 13.34 8.48 -33.37
N ASP B 34 12.39 8.95 -34.15
CA ASP B 34 12.52 10.28 -34.70
C ASP B 34 12.26 11.32 -33.62
N GLU B 35 13.02 12.43 -33.69
CA GLU B 35 12.88 13.54 -32.74
C GLU B 35 11.47 14.10 -32.68
N SER B 36 10.59 13.70 -33.61
CA SER B 36 9.18 14.06 -33.52
C SER B 36 8.56 13.58 -32.22
N ARG B 37 9.03 12.45 -31.69
CA ARG B 37 8.42 11.83 -30.52
C ARG B 37 9.29 11.91 -29.28
N VAL B 38 10.29 12.78 -29.26
CA VAL B 38 10.98 13.07 -28.01
C VAL B 38 10.02 13.82 -27.09
N LEU B 39 10.11 13.53 -25.80
CA LEU B 39 9.34 14.25 -24.79
C LEU B 39 10.23 15.03 -23.83
N GLY B 40 11.45 14.56 -23.63
CA GLY B 40 12.42 15.22 -22.79
C GLY B 40 13.74 14.50 -22.93
N VAL B 41 14.71 14.91 -22.13
CA VAL B 41 15.98 14.22 -22.02
C VAL B 41 16.36 14.16 -20.55
N GLY B 42 16.85 12.99 -20.12
CA GLY B 42 17.27 12.80 -18.75
C GLY B 42 18.62 12.13 -18.70
N GLY B 43 19.14 12.00 -17.48
CA GLY B 43 20.49 11.50 -17.27
C GLY B 43 20.73 10.13 -17.87
N PHE B 44 19.64 9.47 -18.26
CA PHE B 44 19.67 8.14 -18.86
C PHE B 44 19.60 8.18 -20.37
N GLY B 45 18.94 9.17 -20.96
CA GLY B 45 18.82 9.25 -22.40
C GLY B 45 17.57 10.02 -22.79
N LYS B 46 17.28 9.98 -24.09
CA LYS B 46 16.06 10.60 -24.59
C LYS B 46 14.89 9.65 -24.41
N VAL B 47 13.73 10.21 -24.10
CA VAL B 47 12.51 9.45 -23.84
C VAL B 47 11.53 9.72 -24.96
N TYR B 48 11.00 8.65 -25.57
CA TYR B 48 10.12 8.75 -26.73
C TYR B 48 8.70 8.32 -26.37
N ARG B 49 7.73 8.93 -27.03
CA ARG B 49 6.34 8.53 -26.89
C ARG B 49 6.04 7.43 -27.89
N GLY B 50 5.29 6.42 -27.46
CA GLY B 50 5.09 5.26 -28.32
C GLY B 50 3.84 4.49 -27.95
N GLU B 51 3.48 3.58 -28.85
CA GLU B 51 2.33 2.70 -28.69
C GLU B 51 2.80 1.27 -28.84
N ILE B 52 2.20 0.36 -28.05
CA ILE B 52 2.48 -1.06 -28.18
C ILE B 52 1.15 -1.83 -28.20
N ASP B 53 1.25 -3.13 -28.45
CA ASP B 53 0.11 -4.04 -28.49
C ASP B 53 -0.94 -3.54 -29.47
N GLY B 54 -0.50 -3.27 -30.70
CA GLY B 54 -1.40 -2.75 -31.71
C GLY B 54 -2.01 -1.44 -31.25
N GLY B 55 -1.17 -0.55 -30.74
CA GLY B 55 -1.62 0.78 -30.35
C GLY B 55 -2.71 0.80 -29.32
N THR B 56 -2.89 -0.28 -28.56
CA THR B 56 -3.89 -0.24 -27.51
C THR B 56 -3.38 0.40 -26.21
N THR B 57 -2.06 0.45 -25.98
CA THR B 57 -1.52 1.06 -24.76
C THR B 57 -0.36 2.00 -25.10
N LYS B 58 -0.42 3.23 -24.56
CA LYS B 58 0.59 4.26 -24.79
C LYS B 58 1.74 4.11 -23.81
N VAL B 59 2.96 4.26 -24.32
CA VAL B 59 4.14 4.03 -23.51
C VAL B 59 5.13 5.19 -23.65
N ALA B 60 5.95 5.37 -22.62
CA ALA B 60 7.13 6.22 -22.67
C ALA B 60 8.34 5.31 -22.64
N ILE B 61 9.30 5.58 -23.52
CA ILE B 61 10.38 4.65 -23.83
C ILE B 61 11.70 5.41 -23.70
N LYS B 62 12.56 4.95 -22.80
CA LYS B 62 13.83 5.62 -22.53
C LYS B 62 14.97 4.82 -23.17
N ARG B 63 15.81 5.49 -23.95
CA ARG B 63 16.89 4.85 -24.67
C ARG B 63 18.21 5.26 -24.04
N GLY B 64 18.81 4.35 -23.29
CA GLY B 64 20.07 4.60 -22.63
C GLY B 64 21.26 4.04 -23.39
N ASN B 65 22.44 4.21 -22.78
CA ASN B 65 23.74 3.94 -23.38
C ASN B 65 24.47 2.87 -22.58
N PRO B 66 24.73 1.69 -23.17
CA PRO B 66 25.31 0.59 -22.38
C PRO B 66 26.78 0.77 -22.06
N MET B 67 27.41 1.87 -22.48
CA MET B 67 28.79 2.13 -22.05
C MET B 67 28.80 2.79 -20.67
N SER B 68 27.86 3.71 -20.43
CA SER B 68 27.79 4.46 -19.17
C SER B 68 27.59 3.52 -17.98
N GLU B 69 28.44 3.66 -16.95
CA GLU B 69 28.33 2.77 -15.79
C GLU B 69 27.18 3.18 -14.87
N GLN B 70 27.00 4.48 -14.66
CA GLN B 70 25.79 4.96 -13.98
C GLN B 70 24.55 4.53 -14.74
N GLY B 71 24.56 4.65 -16.07
CA GLY B 71 23.41 4.25 -16.86
C GLY B 71 23.06 2.78 -16.70
N VAL B 72 24.06 1.91 -16.66
CA VAL B 72 23.80 0.48 -16.55
C VAL B 72 23.37 0.11 -15.13
N HIS B 73 23.99 0.73 -14.13
CA HIS B 73 23.54 0.52 -12.76
C HIS B 73 22.08 0.92 -12.61
N GLU B 74 21.75 2.15 -13.03
CA GLU B 74 20.37 2.62 -13.09
C GLU B 74 19.47 1.66 -13.84
N PHE B 75 19.95 1.13 -14.98
CA PHE B 75 19.15 0.23 -15.79
C PHE B 75 18.79 -1.03 -15.02
N GLN B 76 19.76 -1.62 -14.32
CA GLN B 76 19.51 -2.87 -13.60
C GLN B 76 18.74 -2.63 -12.30
N THR B 77 19.07 -1.58 -11.53
CA THR B 77 18.33 -1.33 -10.28
C THR B 77 16.85 -1.12 -10.57
N GLU B 78 16.54 -0.43 -11.66
CA GLU B 78 15.15 -0.17 -12.01
C GLU B 78 14.40 -1.45 -12.30
N ILE B 79 15.04 -2.37 -13.02
CA ILE B 79 14.37 -3.63 -13.36
C ILE B 79 14.26 -4.52 -12.14
N GLU B 80 15.32 -4.55 -11.33
CA GLU B 80 15.30 -5.34 -10.09
C GLU B 80 14.15 -4.88 -9.19
N MET B 81 14.00 -3.57 -8.98
CA MET B 81 12.98 -3.09 -8.05
C MET B 81 11.59 -3.17 -8.67
N LEU B 82 11.40 -2.54 -9.84
CA LEU B 82 10.05 -2.32 -10.34
C LEU B 82 9.37 -3.61 -10.80
N SER B 83 10.14 -4.66 -11.06
CA SER B 83 9.52 -5.90 -11.52
C SER B 83 8.77 -6.63 -10.39
N LYS B 84 9.05 -6.31 -9.13
CA LYS B 84 8.38 -6.96 -8.00
C LYS B 84 7.46 -6.02 -7.22
N LEU B 85 7.04 -4.90 -7.80
CA LEU B 85 6.18 -3.92 -7.14
C LEU B 85 5.02 -3.58 -8.04
N ARG B 86 3.84 -3.50 -7.45
CA ARG B 86 2.64 -3.04 -8.13
C ARG B 86 1.95 -2.06 -7.19
N HIS B 87 1.68 -0.86 -7.66
CA HIS B 87 0.95 0.09 -6.84
C HIS B 87 0.44 1.21 -7.73
N ARG B 88 -0.80 1.63 -7.48
CA ARG B 88 -1.43 2.69 -8.26
C ARG B 88 -0.55 3.93 -8.35
N HIS B 89 0.17 4.28 -7.27
CA HIS B 89 0.91 5.54 -7.26
C HIS B 89 2.39 5.35 -7.49
N LEU B 90 2.79 4.32 -8.24
CA LEU B 90 4.16 4.08 -8.66
C LEU B 90 4.19 3.93 -10.17
N VAL B 91 5.13 4.58 -10.86
CA VAL B 91 5.13 4.42 -12.30
C VAL B 91 5.39 2.96 -12.62
N SER B 92 4.62 2.43 -13.56
CA SER B 92 4.74 1.04 -13.95
C SER B 92 5.81 0.90 -15.03
N LEU B 93 6.77 0.01 -14.79
CA LEU B 93 7.67 -0.48 -15.83
C LEU B 93 6.95 -1.58 -16.62
N ILE B 94 6.61 -1.31 -17.88
CA ILE B 94 5.99 -2.33 -18.70
C ILE B 94 7.01 -3.36 -19.15
N GLY B 95 8.22 -2.92 -19.49
CA GLY B 95 9.24 -3.86 -19.89
C GLY B 95 10.57 -3.18 -20.20
N TYR B 96 11.45 -3.94 -20.85
CA TYR B 96 12.78 -3.44 -21.20
C TYR B 96 13.27 -4.17 -22.44
N CYS B 97 14.34 -3.62 -23.03
CA CYS B 97 14.98 -4.23 -24.19
C CYS B 97 16.49 -4.09 -24.09
N GLU B 98 17.20 -5.20 -24.30
CA GLU B 98 18.63 -5.25 -24.05
C GLU B 98 19.45 -5.71 -25.26
N GLU B 99 18.83 -5.90 -26.42
CA GLU B 99 19.54 -6.42 -27.58
C GLU B 99 19.99 -5.29 -28.50
N ASN B 100 20.97 -5.62 -29.36
CA ASN B 100 21.55 -4.69 -30.33
C ASN B 100 22.42 -3.61 -29.68
N CYS B 101 22.95 -3.90 -28.49
CA CYS B 101 23.73 -2.92 -27.72
C CYS B 101 22.87 -1.73 -27.31
N GLU B 102 21.64 -2.00 -26.87
CA GLU B 102 20.73 -0.96 -26.41
C GLU B 102 20.35 -1.21 -24.96
N MET B 103 19.91 -0.15 -24.30
CA MET B 103 19.39 -0.18 -22.93
C MET B 103 18.11 0.63 -22.96
N ILE B 104 16.98 -0.06 -23.03
CA ILE B 104 15.69 0.59 -23.24
C ILE B 104 14.77 0.19 -22.10
N LEU B 105 14.04 1.17 -21.58
CA LEU B 105 12.99 0.95 -20.60
C LEU B 105 11.67 1.41 -21.18
N VAL B 106 10.61 0.68 -20.90
CA VAL B 106 9.27 1.01 -21.34
C VAL B 106 8.42 1.22 -20.10
N TYR B 107 7.84 2.41 -19.98
CA TYR B 107 7.04 2.84 -18.85
C TYR B 107 5.63 3.19 -19.31
N ASP B 108 4.70 3.17 -18.35
CA ASP B 108 3.42 3.84 -18.57
C ASP B 108 3.66 5.29 -18.98
N TYR B 109 2.95 5.72 -20.02
CA TYR B 109 3.00 7.11 -20.45
C TYR B 109 2.29 7.98 -19.42
N MET B 110 3.03 8.94 -18.85
CA MET B 110 2.49 9.90 -17.89
C MET B 110 2.23 11.21 -18.63
N ALA B 111 0.98 11.37 -19.10
CA ALA B 111 0.65 12.39 -20.08
C ALA B 111 0.92 13.81 -19.61
N HIS B 112 0.97 14.04 -18.31
CA HIS B 112 1.08 15.40 -17.79
C HIS B 112 2.46 15.74 -17.24
N GLY B 113 3.45 14.89 -17.47
CA GLY B 113 4.78 15.24 -17.05
C GLY B 113 4.97 15.13 -15.54
N THR B 114 6.00 15.86 -15.07
CA THR B 114 6.35 15.89 -13.66
C THR B 114 5.51 16.92 -12.92
N MET B 115 5.51 16.80 -11.60
CA MET B 115 4.84 17.79 -10.75
C MET B 115 5.51 19.16 -10.85
N ARG B 116 6.84 19.14 -10.91
CA ARG B 116 7.63 20.39 -10.93
C ARG B 116 7.24 21.27 -12.12
N GLU B 117 6.84 20.67 -13.24
CA GLU B 117 6.47 21.48 -14.43
C GLU B 117 5.03 22.03 -14.39
N HIS B 118 4.33 21.89 -13.27
CA HIS B 118 3.00 22.50 -13.03
C HIS B 118 3.13 23.37 -11.79
N LEU B 119 4.34 23.55 -11.26
CA LEU B 119 4.46 24.37 -10.07
C LEU B 119 5.12 25.71 -10.36
N TYR B 120 6.21 25.73 -11.12
CA TYR B 120 6.99 26.94 -11.31
C TYR B 120 7.88 26.78 -12.54
N LYS B 121 8.34 27.93 -13.04
CA LYS B 121 9.26 28.01 -14.20
C LYS B 121 8.67 27.31 -15.42
N THR B 122 7.37 27.52 -15.62
CA THR B 122 6.62 26.80 -16.62
C THR B 122 5.63 27.76 -17.25
N GLN B 123 5.10 27.40 -18.42
CA GLN B 123 3.96 28.12 -18.97
C GLN B 123 2.65 27.36 -18.76
N ASN B 124 2.66 26.28 -17.97
CA ASN B 124 1.43 25.61 -17.66
C ASN B 124 0.65 26.40 -16.60
N PRO B 125 -0.67 26.22 -16.55
CA PRO B 125 -1.46 26.92 -15.52
C PRO B 125 -1.23 26.28 -14.17
N SER B 126 -1.48 27.08 -13.13
CA SER B 126 -1.21 26.64 -11.78
C SER B 126 -2.24 25.60 -11.34
N LEU B 127 -1.81 24.66 -10.52
CA LEU B 127 -2.75 23.67 -10.06
C LEU B 127 -3.64 24.26 -8.97
N PRO B 128 -4.93 23.98 -9.00
CA PRO B 128 -5.79 24.39 -7.89
C PRO B 128 -5.36 23.66 -6.61
N TRP B 129 -5.76 24.23 -5.47
CA TRP B 129 -5.22 23.75 -4.21
C TRP B 129 -5.57 22.28 -3.95
N LYS B 130 -6.84 21.90 -4.09
CA LYS B 130 -7.19 20.50 -3.79
C LYS B 130 -6.52 19.54 -4.75
N GLN B 131 -6.35 19.93 -6.00
CA GLN B 131 -5.57 19.12 -6.93
C GLN B 131 -4.15 18.87 -6.40
N ARG B 132 -3.50 19.88 -5.82
CA ARG B 132 -2.14 19.73 -5.29
C ARG B 132 -2.11 18.78 -4.11
N LEU B 133 -3.07 18.96 -3.19
CA LEU B 133 -3.21 18.05 -2.05
C LEU B 133 -3.40 16.61 -2.50
N GLU B 134 -4.26 16.38 -3.49
CA GLU B 134 -4.47 15.01 -3.95
C GLU B 134 -3.23 14.44 -4.62
N ILE B 135 -2.40 15.29 -5.21
CA ILE B 135 -1.14 14.83 -5.77
C ILE B 135 -0.17 14.46 -4.64
N CYS B 136 -0.05 15.31 -3.62
CA CYS B 136 0.78 14.97 -2.47
C CYS B 136 0.31 13.69 -1.80
N ILE B 137 -0.99 13.59 -1.53
CA ILE B 137 -1.55 12.38 -0.93
C ILE B 137 -1.21 11.15 -1.78
N GLY B 138 -1.42 11.25 -3.09
CA GLY B 138 -1.01 10.17 -3.97
C GLY B 138 0.47 9.82 -3.83
N ALA B 139 1.33 10.84 -3.77
CA ALA B 139 2.75 10.54 -3.67
C ALA B 139 3.08 9.90 -2.34
N ALA B 140 2.45 10.36 -1.25
CA ALA B 140 2.63 9.73 0.05
C ALA B 140 2.19 8.28 0.05
N ARG B 141 1.10 7.97 -0.66
CA ARG B 141 0.67 6.58 -0.75
C ARG B 141 1.74 5.72 -1.40
N GLY B 142 2.43 6.26 -2.40
CA GLY B 142 3.46 5.47 -3.06
C GLY B 142 4.68 5.28 -2.19
N LEU B 143 5.09 6.34 -1.48
CA LEU B 143 6.19 6.21 -0.55
C LEU B 143 5.82 5.32 0.63
N HIS B 144 4.63 5.50 1.17
CA HIS B 144 4.15 4.62 2.21
C HIS B 144 4.25 3.17 1.78
N TYR B 145 3.90 2.87 0.52
CA TYR B 145 3.99 1.49 0.06
C TYR B 145 5.45 1.02 -0.02
N LEU B 146 6.35 1.90 -0.49
CA LEU B 146 7.76 1.53 -0.51
C LEU B 146 8.25 1.15 0.88
N HIS B 147 7.73 1.82 1.90
CA HIS B 147 8.24 1.69 3.26
C HIS B 147 7.67 0.51 4.04
N THR B 148 6.43 0.12 3.74
CA THR B 148 5.73 -0.87 4.51
C THR B 148 5.09 -1.97 3.66
N GLY B 149 5.25 -1.94 2.35
CA GLY B 149 4.48 -2.85 1.52
C GLY B 149 5.30 -3.79 0.66
N ALA B 150 6.58 -3.48 0.47
CA ALA B 150 7.47 -4.38 -0.26
C ALA B 150 8.03 -5.44 0.67
N LYS B 151 8.73 -6.42 0.08
CA LYS B 151 9.25 -7.54 0.87
C LYS B 151 10.09 -7.03 2.05
N HIS B 152 10.98 -6.07 1.79
CA HIS B 152 11.69 -5.32 2.81
C HIS B 152 11.46 -3.85 2.54
N THR B 153 11.79 -3.03 3.53
CA THR B 153 11.69 -1.59 3.38
C THR B 153 12.56 -1.11 2.22
N ILE B 154 12.04 -0.17 1.45
CA ILE B 154 12.75 0.39 0.32
C ILE B 154 12.95 1.87 0.61
N ILE B 155 14.20 2.30 0.65
CA ILE B 155 14.52 3.72 0.70
C ILE B 155 14.62 4.20 -0.74
N HIS B 156 13.81 5.21 -1.08
CA HIS B 156 13.80 5.72 -2.44
C HIS B 156 15.07 6.52 -2.73
N ARG B 157 15.38 7.49 -1.86
CA ARG B 157 16.58 8.32 -1.82
C ARG B 157 16.57 9.48 -2.82
N ASP B 158 15.65 9.53 -3.77
CA ASP B 158 15.59 10.66 -4.69
C ASP B 158 14.16 11.17 -4.82
N VAL B 159 13.50 11.42 -3.69
CA VAL B 159 12.17 12.03 -3.71
C VAL B 159 12.32 13.51 -3.98
N LYS B 160 11.78 13.96 -5.10
CA LYS B 160 11.78 15.38 -5.46
C LYS B 160 10.64 15.59 -6.45
N THR B 161 10.34 16.86 -6.72
CA THR B 161 9.21 17.15 -7.59
C THR B 161 9.43 16.74 -9.04
N THR B 162 10.65 16.41 -9.45
CA THR B 162 10.77 15.90 -10.81
C THR B 162 10.56 14.40 -10.88
N ASN B 163 10.61 13.70 -9.74
CA ASN B 163 10.38 12.28 -9.71
C ASN B 163 8.96 11.94 -9.29
N ILE B 164 8.04 12.90 -9.39
CA ILE B 164 6.62 12.66 -9.23
C ILE B 164 5.95 13.01 -10.55
N LEU B 165 5.46 12.00 -11.27
CA LEU B 165 4.82 12.16 -12.57
C LEU B 165 3.29 12.15 -12.42
N LEU B 166 2.62 12.79 -13.38
CA LEU B 166 1.17 12.96 -13.37
C LEU B 166 0.58 12.34 -14.63
N ASP B 167 -0.47 11.55 -14.49
CA ASP B 167 -1.01 10.84 -15.65
C ASP B 167 -2.23 11.58 -16.19
N GLU B 168 -2.88 10.98 -17.19
CA GLU B 168 -3.94 11.68 -17.91
C GLU B 168 -5.02 12.20 -16.97
N LYS B 169 -5.32 11.50 -15.88
CA LYS B 169 -6.33 11.97 -14.95
C LYS B 169 -5.73 12.56 -13.68
N TRP B 170 -4.44 12.90 -13.71
CA TRP B 170 -3.75 13.66 -12.67
C TRP B 170 -3.41 12.82 -11.45
N VAL B 171 -3.44 11.49 -11.59
CA VAL B 171 -2.95 10.61 -10.55
C VAL B 171 -1.43 10.74 -10.45
N ALA B 172 -0.92 10.91 -9.23
CA ALA B 172 0.49 11.15 -9.00
C ALA B 172 1.20 9.82 -8.85
N LYS B 173 2.37 9.70 -9.45
CA LYS B 173 3.08 8.43 -9.38
C LYS B 173 4.57 8.68 -9.13
N VAL B 174 5.12 8.01 -8.14
CA VAL B 174 6.55 8.11 -7.79
C VAL B 174 7.33 7.34 -8.84
N SER B 175 8.49 7.86 -9.24
CA SER B 175 9.34 7.19 -10.26
C SER B 175 10.82 7.36 -9.92
N ASP B 176 11.68 6.83 -10.80
CA ASP B 176 13.16 6.90 -10.74
C ASP B 176 13.86 6.15 -9.60
N PHE B 177 13.92 4.83 -9.66
CA PHE B 177 14.43 4.01 -8.56
C PHE B 177 15.91 3.70 -8.77
N GLY B 178 16.61 4.56 -9.48
CA GLY B 178 18.02 4.34 -9.82
C GLY B 178 18.92 4.34 -8.60
N LEU B 179 18.59 5.14 -7.59
CA LEU B 179 19.44 5.21 -6.38
C LEU B 179 18.77 4.52 -5.19
N SER B 180 17.67 3.81 -5.38
CA SER B 180 16.95 3.22 -4.22
C SER B 180 17.69 2.02 -3.64
N LYS B 181 17.54 1.84 -2.32
CA LYS B 181 18.15 0.73 -1.59
C LYS B 181 17.07 -0.05 -0.83
N THR B 182 17.31 -1.35 -0.68
CA THR B 182 16.43 -2.17 0.13
C THR B 182 16.97 -2.38 1.55
N SER B 198 18.48 16.51 -6.45
CA SER B 198 18.71 15.96 -5.12
C SER B 198 19.28 17.00 -4.14
N PHE B 199 19.79 18.11 -4.68
CA PHE B 199 20.54 19.06 -3.86
C PHE B 199 19.73 19.61 -2.69
N GLY B 200 18.68 20.37 -2.95
CA GLY B 200 18.00 20.86 -1.77
C GLY B 200 17.05 19.88 -1.09
N TYR B 201 17.20 18.59 -1.37
CA TYR B 201 16.35 17.56 -0.78
C TYR B 201 17.12 16.64 0.18
N LEU B 202 18.41 16.83 0.34
CA LEU B 202 19.23 15.85 1.06
C LEU B 202 18.98 15.92 2.56
N ASP B 203 18.63 14.77 3.15
CA ASP B 203 18.54 14.64 4.60
C ASP B 203 19.86 15.12 5.19
N PRO B 204 19.90 16.30 5.82
CA PRO B 204 21.18 16.80 6.36
C PRO B 204 21.76 15.88 7.40
N GLU B 205 20.95 15.06 8.06
CA GLU B 205 21.49 14.09 8.98
C GLU B 205 22.29 13.01 8.26
N TYR B 206 21.96 12.76 7.01
CA TYR B 206 22.72 11.79 6.18
C TYR B 206 24.15 12.28 6.10
N PHE B 207 24.37 13.58 6.21
CA PHE B 207 25.75 14.13 6.08
C PHE B 207 26.53 14.03 7.38
N ARG B 208 25.87 13.67 8.46
CA ARG B 208 26.59 13.54 9.74
C ARG B 208 26.65 12.05 10.08
N ARG B 209 25.54 11.47 10.50
CA ARG B 209 25.50 10.04 10.87
C ARG B 209 25.89 9.12 9.72
N GLN B 210 25.85 9.60 8.47
CA GLN B 210 26.07 8.73 7.30
C GLN B 210 25.26 7.45 7.35
N GLN B 211 24.25 7.37 8.22
CA GLN B 211 23.35 6.24 8.17
C GLN B 211 22.06 6.70 7.51
N LEU B 212 21.39 5.76 6.84
CA LEU B 212 20.24 6.05 6.02
C LEU B 212 19.06 5.26 6.53
N THR B 213 17.92 5.91 6.68
CA THR B 213 16.71 5.24 7.07
C THR B 213 15.57 5.77 6.20
N GLU B 214 14.37 5.22 6.43
CA GLU B 214 13.21 5.69 5.70
C GLU B 214 12.89 7.13 6.04
N LYS B 215 13.23 7.56 7.27
CA LYS B 215 13.10 8.96 7.65
C LYS B 215 13.87 9.91 6.73
N SER B 216 14.79 9.42 5.91
CA SER B 216 15.42 10.30 4.91
C SER B 216 14.46 10.62 3.77
N ASP B 217 13.72 9.63 3.28
CA ASP B 217 12.66 9.91 2.33
C ASP B 217 11.64 10.86 2.93
N VAL B 218 11.32 10.67 4.22
CA VAL B 218 10.33 11.54 4.84
C VAL B 218 10.81 12.99 4.79
N TYR B 219 12.10 13.22 5.10
CA TYR B 219 12.66 14.55 4.97
C TYR B 219 12.46 15.10 3.56
N SER B 220 12.91 14.38 2.54
CA SER B 220 12.75 14.85 1.19
C SER B 220 11.28 15.11 0.87
N PHE B 221 10.37 14.33 1.46
CA PHE B 221 8.97 14.55 1.14
C PHE B 221 8.48 15.86 1.75
N GLY B 222 8.97 16.18 2.95
CA GLY B 222 8.66 17.47 3.53
C GLY B 222 9.03 18.63 2.61
N VAL B 223 10.15 18.49 1.90
CA VAL B 223 10.55 19.56 0.99
C VAL B 223 9.62 19.61 -0.20
N VAL B 224 9.17 18.44 -0.68
CA VAL B 224 8.16 18.42 -1.73
C VAL B 224 6.93 19.19 -1.29
N LEU B 225 6.43 18.92 -0.07
CA LEU B 225 5.23 19.62 0.42
C LEU B 225 5.44 21.12 0.42
N PHE B 226 6.57 21.60 0.99
CA PHE B 226 6.81 23.05 1.00
C PHE B 226 6.92 23.59 -0.41
N GLU B 227 7.52 22.81 -1.31
CA GLU B 227 7.62 23.21 -2.71
C GLU B 227 6.24 23.33 -3.38
N ALA B 228 5.28 22.46 -3.01
CA ALA B 228 3.94 22.59 -3.57
C ALA B 228 3.16 23.74 -2.96
N LEU B 229 3.43 24.04 -1.69
CA LEU B 229 2.80 25.18 -1.04
C LEU B 229 3.34 26.52 -1.57
N CYS B 230 4.66 26.63 -1.74
CA CYS B 230 5.33 27.89 -2.07
C CYS B 230 5.62 28.07 -3.55
N ALA B 231 5.61 27.01 -4.35
CA ALA B 231 5.85 27.12 -5.79
C ALA B 231 7.17 27.82 -6.09
N ARG B 232 8.27 27.30 -5.52
CA ARG B 232 9.63 27.77 -5.82
C ARG B 232 10.60 26.62 -5.60
N PRO B 233 11.76 26.64 -6.25
CA PRO B 233 12.72 25.54 -6.11
C PRO B 233 13.09 25.31 -4.65
N ALA B 234 13.38 24.05 -4.32
CA ALA B 234 13.88 23.71 -2.99
C ALA B 234 15.18 24.45 -2.67
N LEU B 235 15.98 24.71 -3.70
CA LEU B 235 17.27 25.35 -3.55
C LEU B 235 17.34 26.47 -4.58
N ASN B 236 17.44 27.71 -4.12
CA ASN B 236 17.67 28.83 -5.03
C ASN B 236 18.93 29.54 -4.60
N PRO B 237 20.09 29.25 -5.22
CA PRO B 237 21.36 29.76 -4.71
C PRO B 237 21.55 31.26 -4.89
N THR B 238 20.69 31.96 -5.61
CA THR B 238 20.83 33.41 -5.80
C THR B 238 20.18 34.23 -4.70
N LEU B 239 19.48 33.62 -3.74
CA LEU B 239 18.69 34.38 -2.81
C LEU B 239 19.52 34.81 -1.61
N ALA B 240 18.87 35.57 -0.74
CA ALA B 240 19.49 35.94 0.54
C ALA B 240 19.89 34.61 1.19
N LYS B 241 20.93 34.63 2.01
CA LYS B 241 21.44 33.50 2.84
C LYS B 241 20.44 32.65 3.62
N GLU B 242 19.34 33.21 4.11
CA GLU B 242 18.36 32.47 4.95
C GLU B 242 17.27 31.88 4.05
N GLN B 243 17.10 32.40 2.85
CA GLN B 243 16.02 31.89 1.98
C GLN B 243 16.53 30.90 0.94
N VAL B 244 17.84 30.61 0.90
CA VAL B 244 18.38 29.81 -0.18
C VAL B 244 17.71 28.46 -0.23
N SER B 245 17.59 27.81 0.94
CA SER B 245 17.10 26.45 1.06
C SER B 245 15.67 26.46 1.59
N LEU B 246 14.74 25.94 0.80
CA LEU B 246 13.35 25.99 1.21
C LEU B 246 13.12 25.25 2.52
N ALA B 247 13.83 24.14 2.72
CA ALA B 247 13.67 23.31 3.92
C ALA B 247 13.97 24.05 5.21
N GLU B 248 14.82 25.07 5.17
CA GLU B 248 15.03 25.94 6.33
C GLU B 248 14.21 27.21 6.29
N TRP B 249 14.01 27.80 5.11
CA TRP B 249 13.30 29.08 5.03
C TRP B 249 11.85 28.93 5.47
N ALA B 250 11.12 27.96 4.88
CA ALA B 250 9.72 27.77 5.22
C ALA B 250 9.49 27.55 6.71
N PRO B 251 10.18 26.61 7.39
CA PRO B 251 9.99 26.52 8.85
C PRO B 251 10.39 27.79 9.58
N TYR B 252 11.41 28.51 9.10
CA TYR B 252 11.72 29.80 9.71
C TYR B 252 10.52 30.76 9.66
N CYS B 253 9.89 30.90 8.49
CA CYS B 253 8.73 31.81 8.39
C CYS B 253 7.56 31.34 9.25
N TYR B 254 7.28 30.02 9.27
CA TYR B 254 6.19 29.52 10.11
C TYR B 254 6.41 29.87 11.58
N LYS B 255 7.64 29.67 12.06
CA LYS B 255 7.94 30.04 13.44
C LYS B 255 7.76 31.53 13.65
N LYS B 256 8.10 32.35 12.66
CA LYS B 256 7.93 33.78 12.84
C LYS B 256 6.52 34.24 12.54
N GLY B 257 5.61 33.28 12.34
CA GLY B 257 4.23 33.58 12.05
C GLY B 257 3.94 34.07 10.64
N MET B 258 4.89 33.94 9.71
CA MET B 258 4.75 34.57 8.40
C MET B 258 4.68 33.59 7.24
N LEU B 259 4.52 32.29 7.50
CA LEU B 259 4.50 31.33 6.39
C LEU B 259 3.52 31.74 5.30
N ASP B 260 2.41 32.37 5.69
CA ASP B 260 1.41 32.77 4.71
C ASP B 260 1.91 33.82 3.72
N GLN B 261 3.07 34.42 3.96
CA GLN B 261 3.55 35.45 3.04
C GLN B 261 4.44 34.90 1.94
N ILE B 262 4.93 33.68 2.08
CA ILE B 262 5.76 33.05 1.05
C ILE B 262 4.99 31.94 0.30
N VAL B 263 3.65 31.95 0.36
CA VAL B 263 2.85 30.95 -0.35
C VAL B 263 2.73 31.33 -1.82
N ASP B 264 2.52 30.33 -2.68
CA ASP B 264 2.22 30.58 -4.08
C ASP B 264 1.13 31.65 -4.19
N PRO B 265 1.38 32.77 -4.88
CA PRO B 265 0.34 33.80 -4.98
C PRO B 265 -0.96 33.29 -5.55
N TYR B 266 -0.93 32.34 -6.48
CA TYR B 266 -2.18 31.72 -6.93
C TYR B 266 -2.97 31.13 -5.76
N LEU B 267 -2.30 30.65 -4.73
CA LEU B 267 -2.95 29.91 -3.65
C LEU B 267 -3.48 30.80 -2.53
N LYS B 268 -3.18 32.09 -2.54
CA LYS B 268 -3.56 32.93 -1.41
C LYS B 268 -5.09 33.13 -1.39
N GLY B 269 -5.68 33.06 -0.20
CA GLY B 269 -7.11 33.09 -0.09
C GLY B 269 -7.83 31.79 -0.38
N LYS B 270 -7.13 30.75 -0.85
CA LYS B 270 -7.75 29.51 -1.30
C LYS B 270 -7.56 28.35 -0.33
N ILE B 271 -6.83 28.52 0.75
CA ILE B 271 -6.58 27.46 1.71
C ILE B 271 -7.30 27.83 2.99
N THR B 272 -8.15 26.93 3.49
CA THR B 272 -8.84 27.25 4.74
C THR B 272 -7.83 27.29 5.88
N PRO B 273 -8.08 28.12 6.89
CA PRO B 273 -7.13 28.23 8.00
C PRO B 273 -6.77 26.89 8.64
N GLU B 274 -7.72 25.98 8.83
CA GLU B 274 -7.34 24.77 9.55
C GLU B 274 -6.66 23.77 8.62
N CYS B 275 -6.93 23.81 7.33
CA CYS B 275 -6.15 23.03 6.38
C CYS B 275 -4.72 23.55 6.33
N PHE B 276 -4.56 24.87 6.15
CA PHE B 276 -3.24 25.46 6.09
C PHE B 276 -2.43 25.09 7.33
N LYS B 277 -3.05 25.21 8.50
CA LYS B 277 -2.35 24.92 9.74
C LYS B 277 -1.91 23.46 9.80
N LYS B 278 -2.80 22.54 9.40
CA LYS B 278 -2.47 21.12 9.50
C LYS B 278 -1.43 20.72 8.46
N PHE B 279 -1.57 21.23 7.25
CA PHE B 279 -0.57 20.97 6.22
C PHE B 279 0.79 21.54 6.62
N ALA B 280 0.82 22.77 7.16
CA ALA B 280 2.09 23.40 7.51
C ALA B 280 2.83 22.61 8.59
N GLU B 281 2.13 22.22 9.67
CA GLU B 281 2.81 21.51 10.75
C GLU B 281 3.23 20.11 10.33
N THR B 282 2.47 19.48 9.45
CA THR B 282 2.90 18.19 8.95
C THR B 282 4.20 18.31 8.19
N ALA B 283 4.32 19.35 7.35
CA ALA B 283 5.51 19.58 6.57
C ALA B 283 6.70 19.93 7.46
N MET B 284 6.44 20.69 8.54
CA MET B 284 7.48 21.03 9.52
C MET B 284 8.01 19.80 10.23
N LYS B 285 7.11 18.92 10.65
CA LYS B 285 7.57 17.70 11.31
C LYS B 285 8.46 16.91 10.38
N CYS B 286 8.23 17.01 9.08
CA CYS B 286 8.98 16.19 8.15
C CYS B 286 10.43 16.62 8.05
N VAL B 287 10.70 17.92 8.13
CA VAL B 287 12.05 18.42 7.91
C VAL B 287 12.76 18.74 9.21
N LEU B 288 12.41 18.03 10.28
CA LEU B 288 13.16 18.14 11.53
C LEU B 288 14.58 17.63 11.34
N ASP B 289 15.46 18.10 12.23
CA ASP B 289 16.90 17.91 12.08
C ASP B 289 17.29 16.43 12.12
N GLN B 290 16.65 15.66 13.01
CA GLN B 290 17.00 14.27 13.26
C GLN B 290 15.87 13.33 12.85
N GLY B 291 16.21 12.32 12.07
CA GLY B 291 15.22 11.42 11.50
C GLY B 291 14.31 10.80 12.53
N ILE B 292 14.77 10.74 13.78
CA ILE B 292 14.02 10.01 14.80
C ILE B 292 12.89 10.83 15.40
N GLU B 293 12.95 12.17 15.31
CA GLU B 293 11.80 12.98 15.66
C GLU B 293 10.77 13.06 14.53
N ARG B 294 11.09 12.55 13.35
CA ARG B 294 10.21 12.73 12.22
C ARG B 294 9.11 11.69 12.22
N PRO B 295 7.97 12.01 11.63
CA PRO B 295 6.89 11.03 11.53
C PRO B 295 7.17 9.97 10.49
N SER B 296 6.40 8.87 10.56
CA SER B 296 6.45 7.91 9.46
C SER B 296 5.61 8.42 8.30
N MET B 297 5.90 7.90 7.09
CA MET B 297 5.11 8.27 5.92
C MET B 297 3.63 7.97 6.10
N GLY B 298 3.31 6.93 6.87
CA GLY B 298 1.91 6.66 7.17
C GLY B 298 1.31 7.74 8.06
N ASP B 299 2.12 8.29 8.97
CA ASP B 299 1.64 9.42 9.75
C ASP B 299 1.41 10.62 8.85
N VAL B 300 2.28 10.81 7.87
CA VAL B 300 2.15 11.94 6.97
C VAL B 300 0.94 11.78 6.07
N LEU B 301 0.78 10.58 5.49
CA LEU B 301 -0.36 10.33 4.62
C LEU B 301 -1.67 10.63 5.36
N TRP B 302 -1.80 10.17 6.59
CA TRP B 302 -3.04 10.40 7.31
C TRP B 302 -3.26 11.88 7.60
N ASN B 303 -2.18 12.62 7.84
CA ASN B 303 -2.35 14.04 8.16
C ASN B 303 -2.67 14.84 6.91
N LEU B 304 -2.09 14.44 5.77
CA LEU B 304 -2.51 15.05 4.52
C LEU B 304 -3.97 14.75 4.20
N GLU B 305 -4.38 13.48 4.31
CA GLU B 305 -5.79 13.13 4.13
C GLU B 305 -6.66 13.98 5.05
N PHE B 306 -6.20 14.21 6.28
CA PHE B 306 -6.98 14.98 7.23
C PHE B 306 -7.09 16.43 6.80
N ALA B 307 -5.97 17.02 6.35
CA ALA B 307 -5.99 18.39 5.86
C ALA B 307 -6.89 18.53 4.63
N LEU B 308 -6.99 17.48 3.82
CA LEU B 308 -7.92 17.54 2.69
C LEU B 308 -9.34 17.64 3.18
N GLN B 309 -9.66 16.96 4.27
CA GLN B 309 -11.01 17.05 4.83
C GLN B 309 -11.26 18.40 5.48
N LEU B 310 -10.24 18.99 6.12
CA LEU B 310 -10.44 20.32 6.68
C LEU B 310 -10.60 21.38 5.62
N GLN B 311 -10.11 21.11 4.41
CA GLN B 311 -10.35 22.02 3.30
C GLN B 311 -11.81 21.98 2.86
N GLU B 312 -12.46 20.80 2.96
CA GLU B 312 -13.82 20.58 2.46
C GLU B 312 -14.91 20.93 3.45
N SER B 313 -14.71 21.93 4.32
CA SER B 313 -15.77 22.31 5.25
C SER B 313 -15.60 23.75 5.72
PB ADP C . -11.45 -21.39 4.40
O1B ADP C . -12.76 -21.65 3.74
O2B ADP C . -10.93 -19.99 4.20
O3B ADP C . -11.40 -21.84 5.82
PA ADP C . -8.96 -22.20 3.26
O1A ADP C . -8.67 -23.22 2.23
O2A ADP C . -8.75 -20.76 2.96
O3A ADP C . -10.48 -22.38 3.66
O5' ADP C . -8.21 -22.59 4.61
C5' ADP C . -8.14 -24.00 4.91
C4' ADP C . -7.01 -24.23 5.88
O4' ADP C . -5.80 -24.42 5.12
C3' ADP C . -6.72 -23.04 6.80
O3' ADP C . -7.49 -23.17 7.97
C2' ADP C . -5.23 -23.20 7.08
O2' ADP C . -4.97 -24.07 8.16
C1' ADP C . -4.72 -23.81 5.78
N9 ADP C . -4.08 -22.89 4.86
C8 ADP C . -4.70 -22.22 3.84
N7 ADP C . -3.88 -21.48 3.13
C5 ADP C . -2.65 -21.70 3.72
C6 ADP C . -1.36 -21.19 3.43
N6 ADP C . -1.11 -20.37 2.43
N1 ADP C . -0.34 -21.61 4.20
C2 ADP C . -0.61 -22.45 5.20
N3 ADP C . -1.76 -22.98 5.57
C4 ADP C . -2.76 -22.56 4.78
MG MG D . -9.98 -19.04 3.85
PB ADP E . 15.33 13.40 -15.39
O1B ADP E . 16.74 13.88 -15.66
O2B ADP E . 15.21 12.44 -14.23
O3B ADP E . 14.29 14.49 -15.41
PA ADP E . 13.52 11.93 -17.00
O1A ADP E . 13.65 10.49 -17.41
O2A ADP E . 12.60 12.30 -15.86
O3A ADP E . 14.99 12.50 -16.68
O5' ADP E . 13.07 12.81 -18.27
C5' ADP E . 12.34 14.00 -17.99
C4' ADP E . 11.39 14.36 -19.13
O4' ADP E . 10.83 13.16 -19.67
C3' ADP E . 10.26 15.17 -18.56
O3' ADP E . 9.81 16.10 -19.55
C2' ADP E . 9.18 14.16 -18.30
O2' ADP E . 7.87 14.72 -18.43
C1' ADP E . 9.43 13.08 -19.34
N9 ADP E . 9.09 11.73 -18.83
C8 ADP E . 9.86 10.94 -18.05
N7 ADP E . 9.22 9.77 -17.76
C5 ADP E . 8.01 9.81 -18.37
C6 ADP E . 6.83 8.92 -18.48
N6 ADP E . 6.79 7.71 -17.89
N1 ADP E . 5.78 9.34 -19.21
C2 ADP E . 5.77 10.54 -19.82
N3 ADP E . 6.82 11.40 -19.75
C4 ADP E . 7.94 11.10 -19.06
MG MG F . 13.67 11.14 -13.24
#